data_7GT2
#
_entry.id   7GT2
#
_cell.length_a   90.521
_cell.length_b   90.521
_cell.length_c   107.038
_cell.angle_alpha   90.000
_cell.angle_beta   90.000
_cell.angle_gamma   120.000
#
_symmetry.space_group_name_H-M   'P 31 2 1'
#
loop_
_entity.id
_entity.type
_entity.pdbx_description
1 polymer 'Tyrosine-protein phosphatase non-receptor type 1'
2 non-polymer 2-AMINO-2-HYDROXYMETHYL-PROPANE-1,3-DIOL
3 non-polymer '[(4-chlorophenyl)sulfanyl]acetic acid'
4 water water
#
_entity_poly.entity_id   1
_entity_poly.type   'polypeptide(L)'
_entity_poly.pdbx_seq_one_letter_code
;MEMEKEFEQIDKSGSWAAIYQDIRHEASDFPSRVAKLPKNKNRNRYRDVSPFDHSRIKLHQEDNDYINASLIKMEEAQRS
YILTQGPLPNTVGHFWEMVWEQKSRGVVMLNRVMEKGSLKCAQYWPQKEEKEMIFEDTNLKLTLISEDIKSYYTVRQLEL
ENLTTQETREILHFHYTTWPDFGVPESPASFLNFLFKVRESGSLSPEHGPVVVHCSAGIGRSGTFCLADTCLLLMDKRKD
PSSVDIKKVLLEMRKFRMGLIQTADQLRFSYLAVIEGAKFIMGDSSVQDQWKELSHEDLEPPPEHIPPPPRPPKRILEPH
N
;
_entity_poly.pdbx_strand_id   A
#
loop_
_chem_comp.id
_chem_comp.type
_chem_comp.name
_chem_comp.formula
JNG non-polymer '[(4-chlorophenyl)sulfanyl]acetic acid' 'C8 H7 Cl O2 S'
TRS non-polymer 2-AMINO-2-HYDROXYMETHYL-PROPANE-1,3-DIOL 'C4 H12 N O3 1'
#
# COMPACT_ATOMS: atom_id res chain seq x y z
N MET A 1 -26.96 5.67 -0.53
CA MET A 1 -26.94 7.07 -0.04
C MET A 1 -25.67 7.76 -0.53
N GLU A 2 -25.80 8.76 -1.41
CA GLU A 2 -24.67 9.63 -1.83
C GLU A 2 -23.72 9.80 -0.63
N MET A 3 -22.44 9.49 -0.82
CA MET A 3 -21.42 9.51 0.27
C MET A 3 -21.19 10.94 0.75
N GLU A 4 -21.27 11.95 -0.15
CA GLU A 4 -21.09 13.39 0.15
C GLU A 4 -22.12 13.86 1.19
N LYS A 5 -23.33 13.28 1.18
CA LYS A 5 -24.42 13.63 2.12
C LYS A 5 -24.18 12.87 3.42
N GLU A 6 -23.93 11.56 3.32
CA GLU A 6 -23.48 10.73 4.47
C GLU A 6 -22.35 11.48 5.20
N PHE A 7 -21.45 12.14 4.46
CA PHE A 7 -20.22 12.80 5.00
C PHE A 7 -20.60 13.98 5.89
N GLU A 8 -21.43 14.86 5.34
CA GLU A 8 -21.95 16.07 6.04
C GLU A 8 -22.75 15.63 7.29
N GLN A 9 -23.55 14.57 7.17
CA GLN A 9 -24.36 13.99 8.27
C GLN A 9 -23.42 13.52 9.41
N ILE A 10 -22.39 12.72 9.11
CA ILE A 10 -21.40 12.25 10.13
C ILE A 10 -20.66 13.48 10.69
N ASP A 11 -20.28 14.44 9.83
CA ASP A 11 -19.47 15.60 10.29
C ASP A 11 -20.30 16.45 11.25
N LYS A 12 -21.56 16.73 10.92
CA LYS A 12 -22.40 17.64 11.74
C LYS A 12 -22.69 16.94 13.07
N SER A 13 -22.91 15.63 13.06
CA SER A 13 -23.20 14.81 14.26
C SER A 13 -21.91 14.51 15.05
N GLY A 14 -20.74 14.65 14.42
CA GLY A 14 -19.43 14.24 15.00
C GLY A 14 -19.43 12.78 15.43
N SER A 15 -19.80 11.85 14.54
CA SER A 15 -19.87 10.40 14.88
C SER A 15 -18.77 9.58 14.16
N TRP A 16 -17.68 10.21 13.72
CA TRP A 16 -16.59 9.48 13.01
C TRP A 16 -16.12 8.31 13.89
N ALA A 17 -15.91 8.54 15.19
CA ALA A 17 -15.41 7.51 16.13
C ALA A 17 -16.36 6.29 16.16
N ALA A 18 -17.66 6.53 16.08
CA ALA A 18 -18.73 5.51 16.21
C ALA A 18 -18.87 4.68 14.92
N ILE A 19 -18.85 5.34 13.76
CA ILE A 19 -18.74 4.65 12.42
C ILE A 19 -17.50 3.76 12.44
N TYR A 20 -16.35 4.31 12.84
CA TYR A 20 -15.05 3.59 12.73
C TYR A 20 -15.14 2.31 13.57
N GLN A 21 -15.66 2.41 14.81
CA GLN A 21 -15.72 1.24 15.75
C GLN A 21 -16.68 0.19 15.21
N ASP A 22 -17.78 0.58 14.56
CA ASP A 22 -18.70 -0.37 13.88
C ASP A 22 -17.97 -1.22 12.84
N ILE A 23 -17.12 -0.60 12.02
CA ILE A 23 -16.23 -1.32 11.06
C ILE A 23 -15.30 -2.28 11.83
N ARG A 24 -14.61 -1.80 12.86
CA ARG A 24 -13.69 -2.66 13.65
C ARG A 24 -14.49 -3.87 14.18
N HIS A 25 -15.72 -3.66 14.65
CA HIS A 25 -16.57 -4.74 15.22
C HIS A 25 -16.96 -5.79 14.15
N GLU A 26 -17.27 -5.38 12.92
CA GLU A 26 -17.78 -6.30 11.85
C GLU A 26 -16.65 -6.92 11.02
N ALA A 27 -15.42 -6.43 11.17
CA ALA A 27 -14.27 -6.84 10.33
C ALA A 27 -14.04 -8.34 10.51
N SER A 28 -13.56 -8.98 9.46
CA SER A 28 -13.19 -10.41 9.39
C SER A 28 -12.09 -10.76 10.38
N ASP A 29 -12.12 -11.99 10.89
CA ASP A 29 -11.04 -12.58 11.70
C ASP A 29 -10.71 -13.94 11.10
N PHE A 30 -9.47 -14.13 10.67
CA PHE A 30 -8.98 -15.38 10.08
C PHE A 30 -7.67 -15.72 10.78
N PRO A 31 -7.24 -17.00 10.73
CA PRO A 31 -5.95 -17.39 11.29
C PRO A 31 -4.72 -16.81 10.57
N SER A 32 -3.71 -16.47 11.39
CA SER A 32 -2.34 -16.01 11.02
C SER A 32 -1.31 -16.94 11.67
N ARG A 33 -1.44 -18.24 11.52
CA ARG A 33 -0.55 -19.23 12.21
C ARG A 33 0.89 -19.13 11.70
N VAL A 34 1.10 -18.94 10.40
CA VAL A 34 2.51 -18.90 9.88
C VAL A 34 3.24 -17.67 10.47
N ALA A 35 2.60 -16.50 10.49
CA ALA A 35 3.18 -15.24 11.03
C ALA A 35 3.66 -15.46 12.48
N LYS A 36 2.99 -16.31 13.25
CA LYS A 36 3.26 -16.43 14.71
C LYS A 36 4.24 -17.55 15.02
N LEU A 37 4.72 -18.33 14.04
CA LEU A 37 5.78 -19.35 14.28
C LEU A 37 7.01 -18.64 14.86
N PRO A 38 7.67 -19.29 15.84
CA PRO A 38 8.88 -18.73 16.46
C PRO A 38 10.00 -18.42 15.47
N LYS A 39 10.20 -19.22 14.42
CA LYS A 39 11.24 -18.99 13.39
C LYS A 39 10.99 -17.65 12.64
N ASN A 40 9.81 -17.04 12.73
CA ASN A 40 9.47 -15.83 11.93
C ASN A 40 9.40 -14.58 12.81
N LYS A 41 9.79 -14.67 14.09
CA LYS A 41 9.63 -13.52 15.00
C LYS A 41 10.40 -12.28 14.50
N ASN A 42 11.61 -12.45 13.96
CA ASN A 42 12.42 -11.30 13.46
C ASN A 42 12.01 -10.91 12.02
N ARG A 43 10.93 -11.48 11.46
CA ARG A 43 10.42 -11.12 10.10
C ARG A 43 9.20 -10.21 10.24
N ASN A 44 8.82 -9.86 11.47
CA ASN A 44 7.63 -9.03 11.78
C ASN A 44 8.04 -7.79 12.53
N ARG A 45 7.64 -6.64 12.02
CA ARG A 45 7.96 -5.34 12.64
C ARG A 45 7.08 -5.16 13.87
N TYR A 46 5.79 -5.45 13.77
CA TYR A 46 4.79 -5.26 14.86
C TYR A 46 4.14 -6.62 15.19
N ARG A 47 4.11 -6.89 16.49
CA ARG A 47 3.54 -8.13 17.08
C ARG A 47 2.04 -8.25 16.78
N ASP A 48 1.33 -7.13 16.69
CA ASP A 48 -0.15 -7.10 16.49
C ASP A 48 -0.55 -6.91 14.99
N VAL A 49 0.38 -6.94 14.03
CA VAL A 49 0.06 -6.79 12.56
C VAL A 49 0.66 -7.99 11.82
N SER A 50 -0.20 -8.89 11.38
CA SER A 50 0.17 -10.15 10.71
C SER A 50 -0.71 -10.35 9.48
N PRO A 51 -0.15 -11.02 8.46
CA PRO A 51 -0.94 -11.46 7.30
C PRO A 51 -1.76 -12.73 7.63
N PHE A 52 -3.01 -12.77 7.18
CA PHE A 52 -3.85 -14.00 7.27
C PHE A 52 -3.16 -15.07 6.46
N ASP A 53 -3.24 -16.33 6.92
CA ASP A 53 -2.67 -17.45 6.12
C ASP A 53 -3.30 -17.56 4.73
N HIS A 54 -4.60 -17.35 4.57
CA HIS A 54 -5.28 -17.65 3.29
C HIS A 54 -4.78 -16.66 2.20
N SER A 55 -4.34 -15.45 2.55
CA SER A 55 -4.05 -14.36 1.57
C SER A 55 -2.55 -13.95 1.58
N ARG A 56 -1.69 -14.65 2.33
CA ARG A 56 -0.28 -14.20 2.52
C ARG A 56 0.48 -14.43 1.21
N ILE A 57 1.44 -13.55 0.88
CA ILE A 57 2.41 -13.82 -0.23
C ILE A 57 3.45 -14.81 0.25
N LYS A 58 3.69 -15.85 -0.55
CA LYS A 58 4.78 -16.82 -0.31
C LYS A 58 6.04 -16.52 -1.16
N LEU A 59 7.18 -16.48 -0.50
CA LEU A 59 8.51 -16.45 -1.19
C LEU A 59 8.77 -17.81 -1.86
N HIS A 60 9.37 -17.82 -3.05
CA HIS A 60 9.65 -19.07 -3.81
C HIS A 60 11.00 -19.63 -3.35
N GLN A 61 11.08 -20.05 -2.10
CA GLN A 61 12.25 -20.82 -1.58
C GLN A 61 11.77 -21.84 -0.54
N GLU A 62 12.48 -22.98 -0.47
CA GLU A 62 12.10 -24.16 0.35
C GLU A 62 12.45 -23.87 1.82
N ASP A 63 13.56 -23.16 2.04
CA ASP A 63 14.06 -22.68 3.35
C ASP A 63 12.85 -22.21 4.20
N ASN A 64 12.47 -20.95 4.05
CA ASN A 64 11.39 -20.25 4.81
C ASN A 64 10.68 -19.35 3.81
N ASP A 65 9.37 -19.57 3.57
CA ASP A 65 8.63 -18.88 2.48
C ASP A 65 7.95 -17.62 3.05
N TYR A 66 8.25 -17.24 4.28
CA TYR A 66 7.44 -16.24 5.03
C TYR A 66 7.92 -14.80 4.76
N ILE A 67 6.96 -13.94 4.42
CA ILE A 67 7.08 -12.45 4.49
C ILE A 67 5.80 -11.85 5.03
N ASN A 68 5.90 -10.73 5.76
CA ASN A 68 4.74 -9.93 6.22
C ASN A 68 4.18 -9.13 5.03
N ALA A 69 3.35 -9.78 4.20
CA ALA A 69 2.71 -9.22 2.99
C ALA A 69 1.43 -10.02 2.66
N SER A 70 0.43 -9.33 2.13
CA SER A 70 -0.90 -9.91 1.78
C SER A 70 -1.29 -9.49 0.35
N LEU A 71 -1.97 -10.38 -0.38
CA LEU A 71 -2.61 -10.05 -1.69
C LEU A 71 -4.04 -9.63 -1.51
N ILE A 72 -4.37 -8.34 -1.71
CA ILE A 72 -5.75 -7.79 -1.72
C ILE A 72 -6.31 -7.91 -3.17
N LYS A 73 -7.33 -8.76 -3.42
CA LYS A 73 -7.83 -9.02 -4.80
C LYS A 73 -9.27 -8.51 -4.91
N MET A 74 -9.48 -7.43 -5.66
CA MET A 74 -10.81 -6.76 -5.73
C MET A 74 -11.45 -7.21 -7.06
N GLU A 75 -12.41 -8.13 -6.95
CA GLU A 75 -12.98 -8.91 -8.08
C GLU A 75 -13.79 -8.00 -8.99
N GLU A 76 -14.74 -7.24 -8.48
CA GLU A 76 -15.52 -6.32 -9.35
C GLU A 76 -14.68 -5.18 -9.95
N ALA A 77 -13.72 -4.60 -9.22
CA ALA A 77 -12.89 -3.49 -9.73
C ALA A 77 -11.81 -4.03 -10.67
N GLN A 78 -11.49 -5.33 -10.63
CA GLN A 78 -10.41 -5.91 -11.47
C GLN A 78 -9.09 -5.22 -11.11
N ARG A 79 -8.79 -5.10 -9.82
CA ARG A 79 -7.47 -4.59 -9.34
C ARG A 79 -6.96 -5.52 -8.25
N SER A 80 -5.65 -5.74 -8.25
CA SER A 80 -4.92 -6.44 -7.17
C SER A 80 -3.86 -5.51 -6.57
N TYR A 81 -3.62 -5.62 -5.26
CA TYR A 81 -2.53 -4.90 -4.55
C TYR A 81 -1.85 -5.87 -3.59
N ILE A 82 -0.53 -5.76 -3.43
CA ILE A 82 0.20 -6.38 -2.31
C ILE A 82 0.45 -5.28 -1.27
N LEU A 83 -0.06 -5.47 -0.05
CA LEU A 83 0.21 -4.56 1.09
C LEU A 83 1.20 -5.23 2.02
N THR A 84 2.29 -4.51 2.37
CA THR A 84 3.40 -5.11 3.16
C THR A 84 3.89 -4.04 4.15
N GLN A 85 4.61 -4.49 5.14
CA GLN A 85 5.24 -3.61 6.15
C GLN A 85 6.48 -2.96 5.51
N GLY A 86 6.94 -1.86 6.09
CA GLY A 86 8.29 -1.31 5.81
C GLY A 86 9.34 -2.39 6.05
N PRO A 87 10.21 -2.70 5.08
CA PRO A 87 11.21 -3.73 5.30
C PRO A 87 12.12 -3.43 6.52
N LEU A 88 12.51 -4.52 7.17
CA LEU A 88 13.45 -4.57 8.30
C LEU A 88 14.85 -4.85 7.76
N PRO A 89 15.90 -4.56 8.58
CA PRO A 89 17.27 -4.87 8.22
C PRO A 89 17.46 -6.31 7.73
N ASN A 90 16.78 -7.28 8.35
CA ASN A 90 16.96 -8.68 7.86
C ASN A 90 15.88 -9.09 6.83
N THR A 91 14.95 -8.23 6.39
CA THR A 91 13.97 -8.62 5.34
C THR A 91 14.13 -7.79 4.05
N VAL A 92 15.17 -6.96 3.92
CA VAL A 92 15.35 -6.14 2.67
C VAL A 92 15.53 -7.10 1.47
N GLY A 93 16.24 -8.20 1.64
CA GLY A 93 16.45 -9.15 0.52
C GLY A 93 15.14 -9.85 0.14
N HIS A 94 14.34 -10.24 1.14
CA HIS A 94 13.02 -10.90 0.96
C HIS A 94 12.12 -9.94 0.18
N PHE A 95 12.12 -8.67 0.58
CA PHE A 95 11.27 -7.64 -0.07
C PHE A 95 11.50 -7.64 -1.60
N TRP A 96 12.76 -7.60 -2.03
CA TRP A 96 13.11 -7.43 -3.47
C TRP A 96 12.89 -8.79 -4.16
N GLU A 97 13.08 -9.89 -3.44
CA GLU A 97 12.72 -11.23 -3.95
C GLU A 97 11.22 -11.25 -4.31
N MET A 98 10.37 -10.73 -3.43
CA MET A 98 8.91 -10.72 -3.67
C MET A 98 8.62 -9.84 -4.91
N VAL A 99 9.21 -8.64 -4.98
CA VAL A 99 9.00 -7.72 -6.16
C VAL A 99 9.33 -8.49 -7.45
N TRP A 100 10.42 -9.23 -7.46
CA TRP A 100 10.84 -10.04 -8.63
C TRP A 100 9.82 -11.15 -8.92
N GLU A 101 9.52 -11.97 -7.92
CA GLU A 101 8.68 -13.21 -8.11
C GLU A 101 7.28 -12.84 -8.55
N GLN A 102 6.70 -11.76 -8.02
CA GLN A 102 5.31 -11.33 -8.31
C GLN A 102 5.22 -10.44 -9.58
N LYS A 103 6.35 -10.05 -10.19
CA LYS A 103 6.42 -9.31 -11.49
C LYS A 103 5.87 -7.90 -11.34
N SER A 104 6.00 -7.31 -10.17
CA SER A 104 5.52 -5.94 -9.93
C SER A 104 6.36 -4.97 -10.78
N ARG A 105 5.74 -3.88 -11.24
CA ARG A 105 6.40 -2.76 -11.97
C ARG A 105 6.63 -1.58 -11.01
N GLY A 106 5.77 -1.41 -10.00
CA GLY A 106 5.81 -0.23 -9.09
C GLY A 106 5.91 -0.65 -7.64
N VAL A 107 6.63 0.15 -6.85
CA VAL A 107 6.65 0.16 -5.36
C VAL A 107 6.13 1.53 -4.97
N VAL A 108 5.10 1.57 -4.14
CA VAL A 108 4.54 2.81 -3.54
C VAL A 108 4.95 2.89 -2.05
N MET A 109 5.62 3.98 -1.66
CA MET A 109 6.10 4.20 -0.26
C MET A 109 5.45 5.44 0.30
N LEU A 110 4.75 5.33 1.45
CA LEU A 110 3.90 6.43 1.97
C LEU A 110 4.47 7.00 3.29
N ASN A 111 5.69 6.61 3.65
CA ASN A 111 6.33 7.08 4.91
C ASN A 111 7.75 7.58 4.62
N ARG A 112 8.36 8.27 5.57
CA ARG A 112 9.82 8.61 5.56
C ARG A 112 10.55 7.53 6.37
N VAL A 113 11.84 7.32 6.08
CA VAL A 113 12.73 6.38 6.80
C VAL A 113 12.74 6.74 8.31
N MET A 114 12.76 8.02 8.63
CA MET A 114 12.67 8.48 10.04
C MET A 114 11.45 9.39 10.22
N GLU A 115 10.62 9.06 11.22
CA GLU A 115 9.47 9.95 11.61
C GLU A 115 9.39 9.97 13.13
N LYS A 116 9.03 11.12 13.70
CA LYS A 116 8.91 11.27 15.18
C LYS A 116 10.23 10.87 15.88
N GLY A 117 11.37 11.08 15.20
CA GLY A 117 12.72 10.77 15.72
C GLY A 117 13.06 9.29 15.83
N SER A 118 12.29 8.37 15.21
CA SER A 118 12.55 6.89 15.24
C SER A 118 12.55 6.33 13.82
N LEU A 119 13.22 5.22 13.64
CA LEU A 119 13.31 4.53 12.33
C LEU A 119 11.99 3.78 12.06
N LYS A 120 11.35 4.07 10.94
CA LYS A 120 10.05 3.46 10.52
C LYS A 120 10.25 2.38 9.44
N CYS A 121 11.41 2.37 8.76
CA CYS A 121 11.81 1.26 7.85
C CYS A 121 13.27 1.42 7.40
N ALA A 122 13.84 0.35 6.87
CA ALA A 122 15.25 0.27 6.49
C ALA A 122 15.43 1.15 5.24
N GLN A 123 16.65 1.66 5.04
CA GLN A 123 17.05 2.34 3.80
C GLN A 123 17.26 1.25 2.76
N TYR A 124 16.21 0.85 2.01
CA TYR A 124 16.19 -0.40 1.20
C TYR A 124 16.49 -0.15 -0.29
N TRP A 125 16.79 1.09 -0.69
CA TRP A 125 17.11 1.44 -2.10
C TRP A 125 18.37 2.32 -2.13
N PRO A 126 19.15 2.28 -3.24
CA PRO A 126 20.41 3.06 -3.34
C PRO A 126 20.17 4.56 -3.56
N GLN A 127 21.02 5.40 -2.95
CA GLN A 127 20.83 6.87 -2.95
C GLN A 127 21.75 7.53 -4.01
N LYS A 128 22.73 6.80 -4.53
CA LYS A 128 23.66 7.34 -5.56
C LYS A 128 23.85 6.32 -6.66
N GLU A 129 23.89 6.81 -7.92
CA GLU A 129 24.01 5.97 -9.14
C GLU A 129 25.17 4.98 -8.97
N GLU A 130 26.30 5.50 -8.54
CA GLU A 130 27.54 4.68 -8.59
C GLU A 130 27.69 3.79 -7.34
N LYS A 131 26.75 3.77 -6.39
CA LYS A 131 26.81 2.89 -5.18
C LYS A 131 25.59 1.95 -5.13
N GLU A 132 25.63 0.91 -5.94
CA GLU A 132 24.52 -0.04 -6.10
C GLU A 132 24.45 -0.92 -4.84
N MET A 133 23.33 -1.65 -4.65
CA MET A 133 23.12 -2.54 -3.49
C MET A 133 23.10 -3.97 -4.00
N ILE A 134 23.70 -4.87 -3.24
CA ILE A 134 23.67 -6.32 -3.53
C ILE A 134 23.07 -7.05 -2.29
N PHE A 135 22.04 -7.86 -2.52
CA PHE A 135 21.31 -8.65 -1.48
C PHE A 135 21.76 -10.09 -1.66
N GLU A 136 22.73 -10.51 -0.83
CA GLU A 136 23.48 -11.78 -1.08
C GLU A 136 22.57 -12.94 -0.76
N ASP A 137 21.71 -12.78 0.27
CA ASP A 137 20.76 -13.83 0.71
C ASP A 137 19.82 -14.19 -0.46
N THR A 138 19.38 -13.25 -1.33
CA THR A 138 18.41 -13.52 -2.44
C THR A 138 19.03 -13.36 -3.84
N ASN A 139 20.32 -13.02 -3.94
CA ASN A 139 21.06 -13.01 -5.23
C ASN A 139 20.46 -11.98 -6.20
N LEU A 140 20.23 -10.75 -5.71
CA LEU A 140 19.69 -9.62 -6.52
C LEU A 140 20.65 -8.41 -6.43
N LYS A 141 20.67 -7.61 -7.50
CA LYS A 141 21.39 -6.32 -7.55
C LYS A 141 20.41 -5.21 -7.90
N LEU A 142 20.50 -4.10 -7.18
CA LEU A 142 19.61 -2.92 -7.30
C LEU A 142 20.49 -1.67 -7.58
N THR A 143 20.19 -0.95 -8.65
CA THR A 143 20.92 0.27 -9.09
C THR A 143 19.97 1.44 -9.25
N LEU A 144 20.30 2.59 -8.68
CA LEU A 144 19.55 3.83 -8.98
C LEU A 144 19.93 4.33 -10.38
N ILE A 145 18.93 4.55 -11.25
CA ILE A 145 19.13 5.00 -12.66
C ILE A 145 18.81 6.49 -12.77
N SER A 146 17.74 6.96 -12.15
CA SER A 146 17.36 8.40 -12.18
C SER A 146 16.42 8.70 -11.02
N GLU A 147 16.23 9.98 -10.75
CA GLU A 147 15.54 10.51 -9.55
C GLU A 147 14.90 11.82 -9.99
N ASP A 148 13.58 11.96 -9.82
CA ASP A 148 12.84 13.23 -10.04
C ASP A 148 12.17 13.63 -8.72
N ILE A 149 12.68 14.70 -8.09
CA ILE A 149 12.22 15.19 -6.76
C ILE A 149 11.27 16.36 -6.97
N LYS A 150 10.03 16.20 -6.49
CA LYS A 150 9.00 17.26 -6.58
C LYS A 150 8.67 17.69 -5.17
N SER A 151 7.70 18.58 -5.00
CA SER A 151 7.36 19.19 -3.69
C SER A 151 6.71 18.16 -2.76
N TYR A 152 5.83 17.27 -3.26
CA TYR A 152 4.98 16.37 -2.42
C TYR A 152 5.45 14.90 -2.57
N TYR A 153 6.23 14.61 -3.60
CA TYR A 153 6.68 13.22 -3.88
C TYR A 153 7.92 13.24 -4.73
N THR A 154 8.60 12.10 -4.73
CA THR A 154 9.80 11.78 -5.54
C THR A 154 9.52 10.50 -6.32
N VAL A 155 9.84 10.49 -7.60
CA VAL A 155 9.81 9.25 -8.43
C VAL A 155 11.23 8.85 -8.78
N ARG A 156 11.54 7.59 -8.59
CA ARG A 156 12.85 7.03 -8.90
C ARG A 156 12.72 5.87 -9.90
N GLN A 157 13.67 5.83 -10.83
CA GLN A 157 13.87 4.74 -11.81
C GLN A 157 14.93 3.80 -11.26
N LEU A 158 14.59 2.53 -10.99
CA LEU A 158 15.55 1.55 -10.42
C LEU A 158 15.69 0.43 -11.41
N GLU A 159 16.86 -0.22 -11.40
CA GLU A 159 17.13 -1.46 -12.17
C GLU A 159 17.35 -2.61 -11.20
N LEU A 160 16.53 -3.66 -11.30
CA LEU A 160 16.65 -4.87 -10.47
C LEU A 160 17.16 -5.99 -11.38
N GLU A 161 18.26 -6.61 -10.96
CA GLU A 161 18.94 -7.66 -11.73
C GLU A 161 18.91 -8.96 -10.92
N ASN A 162 18.32 -9.99 -11.53
CA ASN A 162 18.37 -11.37 -11.00
C ASN A 162 19.75 -11.92 -11.32
N LEU A 163 20.67 -11.91 -10.36
CA LEU A 163 22.11 -12.25 -10.58
C LEU A 163 22.25 -13.71 -11.00
N THR A 164 21.20 -14.52 -10.80
CA THR A 164 21.18 -15.96 -11.14
C THR A 164 21.05 -16.14 -12.65
N THR A 165 20.23 -15.33 -13.31
CA THR A 165 19.86 -15.48 -14.74
C THR A 165 20.32 -14.27 -15.55
N GLN A 166 20.74 -13.20 -14.88
CA GLN A 166 21.23 -11.95 -15.51
C GLN A 166 20.09 -11.23 -16.23
N GLU A 167 18.81 -11.62 -16.04
CA GLU A 167 17.68 -10.77 -16.50
C GLU A 167 17.64 -9.49 -15.66
N THR A 168 17.17 -8.39 -16.23
CA THR A 168 16.98 -7.10 -15.56
C THR A 168 15.57 -6.60 -15.85
N ARG A 169 15.03 -5.81 -14.93
CA ARG A 169 13.73 -5.12 -15.12
C ARG A 169 13.83 -3.71 -14.54
N GLU A 170 13.04 -2.79 -15.08
CA GLU A 170 12.90 -1.41 -14.58
C GLU A 170 11.75 -1.36 -13.56
N ILE A 171 12.04 -0.97 -12.31
CA ILE A 171 11.05 -0.80 -11.21
C ILE A 171 10.92 0.71 -10.99
N LEU A 172 9.71 1.22 -10.96
CA LEU A 172 9.41 2.60 -10.54
C LEU A 172 9.10 2.68 -9.04
N HIS A 173 9.80 3.56 -8.32
CA HIS A 173 9.62 3.84 -6.87
C HIS A 173 8.87 5.14 -6.71
N PHE A 174 7.60 5.10 -6.26
CA PHE A 174 6.77 6.29 -6.00
C PHE A 174 6.79 6.56 -4.51
N HIS A 175 7.44 7.65 -4.09
CA HIS A 175 7.69 7.95 -2.67
C HIS A 175 6.90 9.17 -2.31
N TYR A 176 5.79 9.02 -1.58
CA TYR A 176 5.04 10.19 -1.07
C TYR A 176 5.74 10.70 0.20
N THR A 177 6.25 11.92 0.22
CA THR A 177 7.27 12.36 1.22
C THR A 177 6.68 13.36 2.24
N THR A 178 5.42 13.76 2.12
CA THR A 178 4.87 14.89 2.92
C THR A 178 3.68 14.48 3.80
N TRP A 179 3.38 13.19 4.01
CA TRP A 179 2.32 12.79 5.00
C TRP A 179 2.81 13.27 6.37
N PRO A 180 2.03 14.05 7.15
CA PRO A 180 2.53 14.60 8.42
C PRO A 180 2.80 13.53 9.49
N ASP A 181 3.77 13.80 10.37
CA ASP A 181 4.14 12.93 11.52
C ASP A 181 2.89 12.58 12.36
N PHE A 182 1.99 13.53 12.61
CA PHE A 182 0.70 13.28 13.35
C PHE A 182 -0.51 13.62 12.47
N GLY A 183 -1.63 12.92 12.67
CA GLY A 183 -2.87 13.16 11.89
C GLY A 183 -2.75 12.80 10.42
N VAL A 184 -3.49 13.54 9.57
CA VAL A 184 -3.70 13.23 8.11
C VAL A 184 -3.57 14.57 7.39
N PRO A 185 -3.29 14.61 6.08
CA PRO A 185 -3.24 15.89 5.36
C PRO A 185 -4.58 16.66 5.48
N GLU A 186 -4.48 17.99 5.45
CA GLU A 186 -5.64 18.88 5.57
C GLU A 186 -6.49 18.79 4.30
N SER A 187 -5.83 18.79 3.13
CA SER A 187 -6.45 18.62 1.79
C SER A 187 -5.92 17.35 1.12
N PRO A 188 -6.79 16.63 0.36
CA PRO A 188 -6.39 15.41 -0.35
C PRO A 188 -5.85 15.67 -1.77
N ALA A 189 -5.76 16.94 -2.14
CA ALA A 189 -5.33 17.36 -3.49
C ALA A 189 -3.99 16.69 -3.81
N SER A 190 -3.01 16.77 -2.91
CA SER A 190 -1.64 16.27 -3.25
C SER A 190 -1.64 14.73 -3.25
N PHE A 191 -2.37 14.10 -2.34
CA PHE A 191 -2.52 12.61 -2.34
C PHE A 191 -3.15 12.13 -3.67
N LEU A 192 -4.22 12.78 -4.13
CA LEU A 192 -4.94 12.41 -5.41
C LEU A 192 -4.00 12.64 -6.60
N ASN A 193 -3.30 13.78 -6.65
CA ASN A 193 -2.25 14.05 -7.66
C ASN A 193 -1.27 12.87 -7.73
N PHE A 194 -0.79 12.39 -6.58
CA PHE A 194 0.16 11.25 -6.46
C PHE A 194 -0.46 9.97 -7.01
N LEU A 195 -1.69 9.65 -6.62
CA LEU A 195 -2.38 8.41 -7.11
C LEU A 195 -2.50 8.45 -8.64
N PHE A 196 -2.86 9.60 -9.22
CA PHE A 196 -2.96 9.71 -10.71
C PHE A 196 -1.59 9.54 -11.35
N LYS A 197 -0.50 9.92 -10.68
CA LYS A 197 0.87 9.67 -11.25
C LYS A 197 1.17 8.19 -11.24
N VAL A 198 0.79 7.49 -10.15
CA VAL A 198 1.05 6.03 -10.13
C VAL A 198 0.22 5.40 -11.28
N ARG A 199 -1.05 5.75 -11.39
CA ARG A 199 -1.93 5.18 -12.44
C ARG A 199 -1.32 5.39 -13.84
N GLU A 200 -0.94 6.62 -14.13
CA GLU A 200 -0.37 7.01 -15.45
C GLU A 200 0.85 6.17 -15.81
N SER A 201 1.60 5.68 -14.83
CA SER A 201 2.85 4.90 -15.05
C SER A 201 2.58 3.51 -15.63
N GLY A 202 1.35 3.01 -15.54
CA GLY A 202 1.08 1.58 -15.85
C GLY A 202 1.27 0.65 -14.65
N SER A 203 1.72 1.13 -13.48
CA SER A 203 2.06 0.26 -12.33
C SER A 203 0.82 -0.46 -11.75
N LEU A 204 -0.38 0.10 -11.93
CA LEU A 204 -1.65 -0.49 -11.37
C LEU A 204 -2.41 -1.32 -12.41
N SER A 205 -1.86 -1.53 -13.60
CA SER A 205 -2.56 -2.10 -14.77
C SER A 205 -2.35 -3.61 -14.87
N PRO A 206 -3.30 -4.35 -15.49
CA PRO A 206 -3.27 -5.82 -15.49
C PRO A 206 -2.17 -6.46 -16.32
N GLU A 207 -1.47 -5.72 -17.18
CA GLU A 207 -0.31 -6.29 -17.88
C GLU A 207 0.91 -6.43 -16.95
N HIS A 208 0.85 -5.98 -15.70
CA HIS A 208 1.96 -6.20 -14.74
C HIS A 208 1.42 -7.05 -13.57
N GLY A 209 2.29 -7.64 -12.79
CA GLY A 209 1.97 -8.10 -11.43
C GLY A 209 1.46 -6.95 -10.55
N PRO A 210 0.90 -7.28 -9.37
CA PRO A 210 0.32 -6.30 -8.47
C PRO A 210 1.41 -5.34 -7.99
N VAL A 211 1.00 -4.10 -7.86
CA VAL A 211 1.78 -3.04 -7.18
C VAL A 211 2.06 -3.45 -5.72
N VAL A 212 3.27 -3.17 -5.21
CA VAL A 212 3.66 -3.36 -3.79
C VAL A 212 3.46 -2.02 -3.08
N VAL A 213 2.58 -1.99 -2.08
CA VAL A 213 2.33 -0.75 -1.29
C VAL A 213 2.72 -0.92 0.18
N HIS A 214 3.46 0.04 0.75
CA HIS A 214 3.87 -0.03 2.19
C HIS A 214 3.87 1.33 2.85
N CYS A 215 3.69 1.31 4.17
CA CYS A 215 4.01 2.45 5.05
C CYS A 215 4.91 1.88 6.15
N SER A 216 4.69 2.17 7.44
CA SER A 216 5.47 1.44 8.47
C SER A 216 4.87 0.04 8.70
N ALA A 217 3.59 -0.05 9.07
CA ALA A 217 2.92 -1.36 9.38
C ALA A 217 2.26 -1.97 8.12
N GLY A 218 1.98 -1.16 7.10
CA GLY A 218 1.31 -1.66 5.87
C GLY A 218 -0.21 -1.81 6.04
N ILE A 219 -0.87 -0.98 6.85
CA ILE A 219 -2.35 -1.08 7.07
C ILE A 219 -3.02 0.30 7.09
N GLY A 220 -2.36 1.35 7.59
CA GLY A 220 -2.97 2.69 7.76
C GLY A 220 -2.98 3.52 6.48
N ARG A 221 -1.90 4.27 6.25
CA ARG A 221 -1.71 5.05 4.99
C ARG A 221 -1.88 4.12 3.76
N SER A 222 -1.31 2.92 3.82
CA SER A 222 -1.39 1.92 2.72
C SER A 222 -2.88 1.60 2.46
N GLY A 223 -3.65 1.43 3.54
CA GLY A 223 -5.12 1.22 3.48
C GLY A 223 -5.81 2.31 2.70
N THR A 224 -5.49 3.54 3.03
CA THR A 224 -6.08 4.76 2.44
C THR A 224 -5.83 4.75 0.93
N PHE A 225 -4.62 4.41 0.51
CA PHE A 225 -4.21 4.39 -0.91
C PHE A 225 -5.12 3.41 -1.68
N CYS A 226 -5.21 2.14 -1.25
CA CYS A 226 -5.94 1.16 -2.12
C CYS A 226 -7.47 1.35 -1.99
N LEU A 227 -8.01 1.80 -0.86
CA LEU A 227 -9.46 2.09 -0.71
C LEU A 227 -9.88 3.21 -1.69
N ALA A 228 -9.15 4.32 -1.72
CA ALA A 228 -9.47 5.45 -2.61
C ALA A 228 -9.36 5.00 -4.07
N ASP A 229 -8.31 4.30 -4.47
CA ASP A 229 -8.13 3.84 -5.87
C ASP A 229 -9.38 3.00 -6.29
N THR A 230 -9.71 1.96 -5.50
CA THR A 230 -10.78 0.98 -5.80
C THR A 230 -12.13 1.72 -5.84
N CYS A 231 -12.41 2.60 -4.90
CA CYS A 231 -13.70 3.32 -4.88
C CYS A 231 -13.88 4.18 -6.15
N LEU A 232 -12.84 4.90 -6.58
CA LEU A 232 -12.94 5.75 -7.80
C LEU A 232 -13.09 4.88 -9.06
N LEU A 233 -12.43 3.73 -9.10
CA LEU A 233 -12.53 2.81 -10.26
C LEU A 233 -13.96 2.27 -10.34
N LEU A 234 -14.56 1.90 -9.21
CA LEU A 234 -15.97 1.39 -9.19
C LEU A 234 -16.96 2.47 -9.66
N MET A 235 -16.72 3.74 -9.30
CA MET A 235 -17.56 4.88 -9.73
C MET A 235 -17.47 5.10 -11.26
N ASP A 236 -16.34 4.79 -11.89
CA ASP A 236 -16.21 4.96 -13.36
C ASP A 236 -16.87 3.77 -14.09
N LYS A 237 -16.94 2.60 -13.45
CA LYS A 237 -17.43 1.36 -14.10
C LYS A 237 -18.96 1.23 -13.97
N ARG A 238 -19.59 1.67 -12.90
CA ARG A 238 -21.01 1.29 -12.61
C ARG A 238 -21.99 2.29 -13.26
N LYS A 239 -23.22 1.83 -13.56
CA LYS A 239 -24.26 2.73 -14.13
C LYS A 239 -24.67 3.77 -13.08
N ASP A 240 -24.69 3.41 -11.79
CA ASP A 240 -25.08 4.34 -10.70
C ASP A 240 -23.88 4.54 -9.76
N PRO A 241 -23.03 5.55 -10.00
CA PRO A 241 -21.86 5.84 -9.15
C PRO A 241 -22.16 6.09 -7.67
N SER A 242 -23.37 6.53 -7.37
CA SER A 242 -23.84 6.78 -5.99
C SER A 242 -24.11 5.46 -5.24
N SER A 243 -24.12 4.30 -5.92
CA SER A 243 -24.20 2.95 -5.30
C SER A 243 -22.87 2.55 -4.64
N VAL A 244 -21.80 3.34 -4.75
CA VAL A 244 -20.48 2.91 -4.23
C VAL A 244 -20.50 3.18 -2.74
N ASP A 245 -20.44 2.12 -1.93
CA ASP A 245 -20.47 2.23 -0.45
C ASP A 245 -19.05 2.03 0.10
N ILE A 246 -18.41 3.10 0.55
CA ILE A 246 -16.97 3.07 0.94
C ILE A 246 -16.79 2.11 2.15
N LYS A 247 -17.72 2.10 3.10
CA LYS A 247 -17.65 1.20 4.29
C LYS A 247 -17.68 -0.28 3.84
N LYS A 248 -18.50 -0.63 2.85
CA LYS A 248 -18.58 -2.03 2.35
C LYS A 248 -17.33 -2.40 1.57
N VAL A 249 -16.76 -1.46 0.82
CA VAL A 249 -15.48 -1.73 0.11
C VAL A 249 -14.40 -1.99 1.16
N LEU A 250 -14.31 -1.15 2.20
CA LEU A 250 -13.30 -1.34 3.27
C LEU A 250 -13.48 -2.73 3.94
N LEU A 251 -14.72 -3.15 4.23
CA LEU A 251 -14.89 -4.49 4.88
C LEU A 251 -14.47 -5.63 3.95
N GLU A 252 -14.76 -5.52 2.63
CA GLU A 252 -14.29 -6.52 1.64
C GLU A 252 -12.74 -6.60 1.67
N MET A 253 -12.08 -5.45 1.69
CA MET A 253 -10.58 -5.39 1.69
C MET A 253 -10.06 -6.02 3.00
N ARG A 254 -10.76 -5.78 4.12
CA ARG A 254 -10.32 -6.31 5.44
C ARG A 254 -10.51 -7.82 5.48
N LYS A 255 -11.13 -8.44 4.48
CA LYS A 255 -11.14 -9.92 4.45
C LYS A 255 -9.74 -10.43 4.06
N PHE A 256 -8.89 -9.57 3.47
CA PHE A 256 -7.57 -9.99 2.95
C PHE A 256 -6.38 -9.54 3.82
N ARG A 257 -6.49 -8.46 4.58
CA ARG A 257 -5.46 -8.01 5.53
C ARG A 257 -6.16 -7.28 6.66
N MET A 258 -5.79 -7.57 7.91
CA MET A 258 -6.35 -6.97 9.13
C MET A 258 -5.98 -5.48 9.23
N GLY A 259 -6.87 -4.70 9.83
CA GLY A 259 -6.55 -3.39 10.44
C GLY A 259 -6.49 -2.26 9.42
N LEU A 260 -6.89 -2.49 8.17
CA LEU A 260 -6.76 -1.48 7.10
C LEU A 260 -7.59 -0.26 7.52
N ILE A 261 -6.95 0.91 7.53
CA ILE A 261 -7.47 2.20 8.06
C ILE A 261 -7.40 2.16 9.59
N GLN A 262 -6.44 2.89 10.16
CA GLN A 262 -5.98 2.70 11.58
C GLN A 262 -6.74 3.61 12.55
N THR A 263 -7.35 4.71 12.07
CA THR A 263 -7.97 5.77 12.90
C THR A 263 -9.22 6.33 12.22
N ALA A 264 -10.05 7.01 13.01
CA ALA A 264 -11.29 7.66 12.54
C ALA A 264 -10.92 8.83 11.64
N ASP A 265 -9.77 9.49 11.86
CA ASP A 265 -9.31 10.58 10.96
C ASP A 265 -8.91 10.03 9.59
N GLN A 266 -8.28 8.85 9.52
CA GLN A 266 -7.90 8.20 8.23
C GLN A 266 -9.20 7.82 7.47
N LEU A 267 -10.20 7.32 8.19
CA LEU A 267 -11.51 7.00 7.55
C LEU A 267 -12.10 8.28 6.94
N ARG A 268 -12.13 9.38 7.69
CA ARG A 268 -12.69 10.67 7.20
C ARG A 268 -11.89 11.17 5.99
N PHE A 269 -10.56 11.17 6.08
CA PHE A 269 -9.66 11.54 4.96
C PHE A 269 -10.00 10.69 3.70
N SER A 270 -10.26 9.39 3.85
CA SER A 270 -10.60 8.47 2.72
C SER A 270 -11.88 8.93 2.03
N TYR A 271 -12.90 9.26 2.81
CA TYR A 271 -14.15 9.85 2.25
C TYR A 271 -13.80 11.12 1.45
N LEU A 272 -13.03 12.03 2.06
CA LEU A 272 -12.72 13.33 1.42
C LEU A 272 -12.02 13.10 0.08
N ALA A 273 -11.02 12.22 0.04
CA ALA A 273 -10.27 11.87 -1.19
C ALA A 273 -11.23 11.35 -2.27
N VAL A 274 -12.12 10.43 -1.93
CA VAL A 274 -13.02 9.81 -2.94
C VAL A 274 -13.98 10.89 -3.46
N ILE A 275 -14.56 11.68 -2.57
CA ILE A 275 -15.55 12.74 -2.94
C ILE A 275 -14.88 13.76 -3.87
N GLU A 276 -13.67 14.20 -3.53
CA GLU A 276 -12.95 15.20 -4.35
C GLU A 276 -12.48 14.55 -5.65
N GLY A 277 -11.95 13.32 -5.59
CA GLY A 277 -11.50 12.63 -6.81
C GLY A 277 -12.64 12.39 -7.81
N ALA A 278 -13.87 12.16 -7.34
CA ALA A 278 -15.05 11.88 -8.20
C ALA A 278 -15.33 13.08 -9.12
N LYS A 279 -14.99 14.29 -8.68
CA LYS A 279 -15.22 15.52 -9.50
C LYS A 279 -14.30 15.54 -10.73
N PHE A 280 -13.34 14.61 -10.88
CA PHE A 280 -12.62 14.31 -12.15
C PHE A 280 -13.27 13.10 -12.86
N ILE A 281 -13.47 11.99 -12.14
CA ILE A 281 -14.01 10.68 -12.65
C ILE A 281 -15.36 10.88 -13.36
N MET A 282 -16.12 11.94 -13.04
CA MET A 282 -17.47 12.22 -13.62
C MET A 282 -17.42 13.34 -14.66
N GLY A 283 -16.26 13.58 -15.29
CA GLY A 283 -16.17 14.18 -16.64
C GLY A 283 -15.51 15.55 -16.67
N ASP A 284 -14.89 15.95 -15.56
CA ASP A 284 -14.26 17.30 -15.49
C ASP A 284 -12.78 17.18 -15.89
C TRS B . -7.85 -17.70 -1.56
C1 TRS B . -7.94 -16.66 -0.43
C2 TRS B . -9.02 -17.60 -2.54
C3 TRS B . -7.79 -19.11 -0.99
N TRS B . -6.56 -17.47 -2.33
O1 TRS B . -7.42 -15.38 -0.79
O2 TRS B . -9.98 -16.63 -2.15
O3 TRS B . -6.65 -19.28 -0.12
H11 TRS B . -7.46 -17.00 0.35
H12 TRS B . -8.89 -16.56 -0.17
H21 TRS B . -9.46 -18.48 -2.60
H22 TRS B . -8.67 -17.37 -3.42
H31 TRS B . -7.74 -19.76 -1.73
H32 TRS B . -8.61 -19.28 -0.48
HN1 TRS B . -6.19 -18.26 -2.59
HN2 TRS B . -5.95 -17.04 -1.80
HN3 TRS B . -6.70 -16.96 -3.07
HO1 TRS B . -7.46 -14.68 -0.08
HO2 TRS B . -10.20 -15.96 -2.93
HO3 TRS B . -6.03 -18.75 -0.34
O01 JNG C . 17.27 -0.74 -16.34
C02 JNG C . 16.51 0.24 -16.21
O03 JNG C . 15.57 0.33 -15.37
C04 JNG C . 16.74 1.47 -17.15
S05 JNG C . 18.51 1.81 -17.64
C06 JNG C . 18.58 3.06 -18.93
C07 JNG C . 19.80 3.46 -19.45
C08 JNG C . 19.90 4.44 -20.46
C09 JNG C . 18.76 5.02 -20.94
CL10 JNG C . 18.93 6.21 -22.18
C11 JNG C . 17.50 4.66 -20.47
C12 JNG C . 17.42 3.67 -19.46
H042 JNG C . 16.14 1.31 -18.06
H041 JNG C . 16.33 2.36 -16.66
H071 JNG C . 20.71 3.03 -19.08
H081 JNG C . 20.87 4.73 -20.83
H111 JNG C . 16.60 5.13 -20.87
H121 JNG C . 16.44 3.41 -19.10
#